data_1QAP
#
_entry.id   1QAP
#
_cell.length_a   81.400
_cell.length_b   81.400
_cell.length_c   217.300
_cell.angle_alpha   90.00
_cell.angle_beta   90.00
_cell.angle_gamma   90.00
#
_symmetry.space_group_name_H-M   'P 41 21 2'
#
loop_
_entity.id
_entity.type
_entity.pdbx_description
1 polymer 'QUINOLINIC ACID PHOSPHORIBOSYLTRANSFERASE'
2 non-polymer 'QUINOLINIC ACID'
3 water water
#
_entity_poly.entity_id   1
_entity_poly.type   'polypeptide(L)'
_entity_poly.pdbx_seq_one_letter_code
;PPRRYNPDDRRDALLERINLDIPAAVAQALREDLGGEVDAGNDITAQLLPADTQAHATVITREDGVFCGKRWVEEVFIQL
AGDDVRLTWHVDDGDAIHANQTVFELQGPARVLLTGERTALNFVQTLSGVASEVRRYVGLLAGTQTQLLDTRKTLPGLRT
ALKYAVLCGGGANHRLGLTDAFLIKENHIIASGSVRQAVEKAFWLHPDVPVEVEVENLDELDDALKAGADIIMLDNFNTD
QMREAVKRVNGQARLEVSGNVTAETLREFAETGVDFISVGALTKHVRALDLSMRFC
;
_entity_poly.pdbx_strand_id   A,B
#
loop_
_chem_comp.id
_chem_comp.type
_chem_comp.name
_chem_comp.formula
NTM non-polymer 'QUINOLINIC ACID' 'C7 H5 N O4'
#
# COMPACT_ATOMS: atom_id res chain seq x y z
N ASP A 8 -0.70 -29.52 2.19
CA ASP A 8 -1.43 -28.27 1.85
C ASP A 8 -1.00 -27.73 0.47
N ASP A 9 -1.97 -27.22 -0.27
CA ASP A 9 -1.70 -26.70 -1.61
C ASP A 9 -1.69 -25.17 -1.70
N ARG A 10 -2.18 -24.50 -0.65
CA ARG A 10 -2.24 -23.04 -0.60
C ARG A 10 -0.94 -22.40 -1.09
N ARG A 11 0.18 -23.08 -0.87
CA ARG A 11 1.48 -22.57 -1.30
C ARG A 11 1.50 -22.57 -2.82
N ASP A 12 1.04 -23.69 -3.41
CA ASP A 12 1.00 -23.85 -4.86
C ASP A 12 -0.15 -23.03 -5.45
N ALA A 13 -1.16 -22.78 -4.62
CA ALA A 13 -2.31 -21.98 -5.03
C ALA A 13 -1.91 -20.51 -5.05
N LEU A 14 -1.08 -20.11 -4.10
CA LEU A 14 -0.58 -18.74 -4.03
C LEU A 14 0.40 -18.55 -5.19
N LEU A 15 1.39 -19.45 -5.26
CA LEU A 15 2.41 -19.41 -6.30
C LEU A 15 1.88 -19.29 -7.72
N GLU A 16 0.73 -19.89 -7.99
CA GLU A 16 0.16 -19.79 -9.32
C GLU A 16 -0.48 -18.41 -9.47
N ARG A 17 -1.38 -18.08 -8.55
CA ARG A 17 -2.10 -16.80 -8.57
C ARG A 17 -1.22 -15.55 -8.75
N ILE A 18 -0.10 -15.46 -8.03
CA ILE A 18 0.80 -14.28 -8.19
C ILE A 18 1.37 -14.21 -9.60
N ASN A 19 1.74 -15.35 -10.17
CA ASN A 19 2.29 -15.39 -11.53
C ASN A 19 1.30 -14.78 -12.51
N LEU A 20 0.03 -15.12 -12.35
CA LEU A 20 -1.04 -14.64 -13.20
C LEU A 20 -1.40 -13.19 -12.85
N ASP A 21 -1.07 -12.79 -11.63
CA ASP A 21 -1.35 -11.44 -11.14
C ASP A 21 -0.22 -10.40 -11.33
N ILE A 22 1.03 -10.85 -11.37
CA ILE A 22 2.13 -9.91 -11.52
C ILE A 22 1.98 -9.01 -12.75
N PRO A 23 1.84 -9.59 -13.97
CA PRO A 23 1.69 -8.69 -15.10
C PRO A 23 0.47 -7.77 -14.98
N ALA A 24 -0.66 -8.32 -14.53
CA ALA A 24 -1.88 -7.54 -14.38
C ALA A 24 -1.70 -6.26 -13.50
N ALA A 25 -0.82 -6.31 -12.51
CA ALA A 25 -0.58 -5.17 -11.63
C ALA A 25 0.52 -4.28 -12.17
N VAL A 26 1.63 -4.89 -12.60
CA VAL A 26 2.74 -4.14 -13.16
C VAL A 26 2.20 -3.30 -14.32
N ALA A 27 1.35 -3.93 -15.11
CA ALA A 27 0.74 -3.28 -16.25
C ALA A 27 0.11 -1.96 -15.82
N GLN A 28 -0.65 -2.03 -14.74
CA GLN A 28 -1.36 -0.90 -14.17
C GLN A 28 -0.46 0.19 -13.57
N ALA A 29 0.56 -0.25 -12.85
CA ALA A 29 1.52 0.66 -12.22
C ALA A 29 2.20 1.54 -13.28
N LEU A 30 2.57 0.92 -14.39
CA LEU A 30 3.21 1.62 -15.51
C LEU A 30 2.16 2.50 -16.20
N ARG A 31 0.94 1.98 -16.33
CA ARG A 31 -0.14 2.74 -16.98
C ARG A 31 -0.41 4.04 -16.26
N GLU A 32 -0.40 4.03 -14.92
CA GLU A 32 -0.66 5.26 -14.18
C GLU A 32 0.46 6.28 -14.34
N ASP A 33 1.66 5.80 -14.65
CA ASP A 33 2.82 6.67 -14.79
C ASP A 33 2.91 7.23 -16.20
N LEU A 34 2.57 6.40 -17.18
CA LEU A 34 2.63 6.80 -18.59
C LEU A 34 1.28 7.27 -19.15
N GLY A 35 0.47 7.86 -18.27
CA GLY A 35 -0.83 8.37 -18.67
C GLY A 35 -1.74 7.35 -19.32
N GLY A 36 -2.25 6.41 -18.53
CA GLY A 36 -3.16 5.40 -19.05
C GLY A 36 -2.63 4.29 -19.96
N GLU A 37 -1.75 4.63 -20.91
CA GLU A 37 -1.18 3.68 -21.87
C GLU A 37 0.17 3.11 -21.36
N VAL A 38 0.61 1.97 -21.88
CA VAL A 38 1.91 1.40 -21.46
C VAL A 38 2.92 1.57 -22.59
N ASP A 39 3.18 2.82 -22.97
CA ASP A 39 4.12 3.12 -24.05
C ASP A 39 5.33 3.85 -23.47
N ALA A 40 6.48 3.18 -23.49
CA ALA A 40 7.74 3.71 -22.96
C ALA A 40 8.11 5.12 -23.46
N GLY A 41 7.72 5.42 -24.69
CA GLY A 41 8.01 6.73 -25.26
C GLY A 41 7.31 7.89 -24.57
N ASN A 42 6.17 7.65 -23.93
CA ASN A 42 5.43 8.75 -23.25
C ASN A 42 6.18 9.53 -22.18
N ASP A 43 7.34 9.04 -21.75
CA ASP A 43 8.12 9.74 -20.73
C ASP A 43 8.76 10.96 -21.39
N ILE A 44 8.16 12.11 -21.14
CA ILE A 44 8.62 13.35 -21.74
C ILE A 44 10.05 13.71 -21.39
N THR A 45 10.32 13.85 -20.11
CA THR A 45 11.65 14.24 -19.65
C THR A 45 12.77 13.36 -20.17
N ALA A 46 12.46 12.10 -20.48
CA ALA A 46 13.46 11.15 -20.98
C ALA A 46 13.83 11.40 -22.45
N GLN A 47 12.96 12.12 -23.15
CA GLN A 47 13.13 12.47 -24.55
C GLN A 47 14.39 13.29 -24.80
N LEU A 48 14.89 13.90 -23.73
CA LEU A 48 16.09 14.73 -23.79
C LEU A 48 17.36 13.92 -24.03
N LEU A 49 17.23 12.60 -24.14
CA LEU A 49 18.39 11.77 -24.38
C LEU A 49 18.31 11.15 -25.77
N PRO A 50 19.46 11.01 -26.46
CA PRO A 50 19.48 10.39 -27.80
C PRO A 50 18.99 8.94 -27.63
N ALA A 51 18.06 8.51 -28.49
CA ALA A 51 17.48 7.17 -28.39
C ALA A 51 18.37 5.92 -28.49
N ASP A 52 19.65 6.04 -28.20
CA ASP A 52 20.54 4.88 -28.24
C ASP A 52 21.64 5.01 -27.18
N THR A 53 21.65 6.14 -26.48
CA THR A 53 22.60 6.37 -25.41
C THR A 53 22.45 5.20 -24.44
N GLN A 54 23.35 4.21 -24.52
CA GLN A 54 23.29 3.07 -23.61
C GLN A 54 23.63 3.50 -22.17
N ALA A 55 23.12 2.76 -21.18
CA ALA A 55 23.36 3.07 -19.76
C ALA A 55 23.38 1.83 -18.87
N HIS A 56 23.87 2.00 -17.65
CA HIS A 56 23.98 0.92 -16.69
C HIS A 56 23.97 1.45 -15.24
N ALA A 57 22.86 1.25 -14.55
CA ALA A 57 22.72 1.73 -13.18
C ALA A 57 22.79 0.57 -12.19
N THR A 58 22.68 0.91 -10.91
CA THR A 58 22.75 -0.07 -9.84
C THR A 58 21.78 0.33 -8.74
N VAL A 59 21.10 -0.64 -8.15
CA VAL A 59 20.19 -0.34 -7.06
C VAL A 59 20.84 -0.77 -5.74
N ILE A 60 20.88 0.15 -4.80
CA ILE A 60 21.48 -0.12 -3.50
C ILE A 60 20.48 0.14 -2.38
N THR A 61 20.46 -0.77 -1.40
CA THR A 61 19.58 -0.61 -0.25
C THR A 61 20.33 0.27 0.75
N ARG A 62 19.59 1.09 1.48
CA ARG A 62 20.23 1.96 2.45
C ARG A 62 19.99 1.57 3.90
N GLU A 63 19.37 0.41 4.11
CA GLU A 63 19.09 -0.10 5.46
C GLU A 63 19.00 -1.63 5.43
N ASP A 64 19.34 -2.28 6.56
CA ASP A 64 19.30 -3.74 6.65
C ASP A 64 17.85 -4.18 6.44
N GLY A 65 17.65 -5.31 5.79
CA GLY A 65 16.30 -5.77 5.56
C GLY A 65 16.26 -7.14 4.94
N VAL A 66 15.15 -7.47 4.29
CA VAL A 66 14.98 -8.74 3.63
C VAL A 66 14.42 -8.39 2.27
N PHE A 67 14.98 -9.00 1.22
CA PHE A 67 14.58 -8.74 -0.14
C PHE A 67 13.36 -9.52 -0.60
N CYS A 68 12.56 -8.89 -1.46
CA CYS A 68 11.38 -9.49 -2.06
C CYS A 68 11.01 -8.55 -3.20
N GLY A 69 10.51 -9.11 -4.30
CA GLY A 69 10.13 -8.29 -5.44
C GLY A 69 10.82 -8.57 -6.78
N LYS A 70 11.67 -9.59 -6.82
CA LYS A 70 12.39 -9.95 -8.04
C LYS A 70 11.49 -10.12 -9.26
N ARG A 71 10.52 -11.01 -9.15
CA ARG A 71 9.61 -11.26 -10.25
C ARG A 71 8.91 -10.00 -10.82
N TRP A 72 8.56 -9.06 -9.94
CA TRP A 72 7.90 -7.82 -10.36
C TRP A 72 8.83 -6.93 -11.16
N VAL A 73 10.09 -6.89 -10.75
CA VAL A 73 11.10 -6.08 -11.42
C VAL A 73 11.24 -6.54 -12.86
N GLU A 74 11.64 -7.79 -13.03
CA GLU A 74 11.81 -8.38 -14.35
C GLU A 74 10.62 -8.05 -15.22
N GLU A 75 9.43 -8.16 -14.66
CA GLU A 75 8.20 -7.86 -15.40
C GLU A 75 8.11 -6.43 -15.92
N VAL A 76 8.39 -5.44 -15.07
CA VAL A 76 8.30 -4.03 -15.47
C VAL A 76 9.12 -3.66 -16.72
N PHE A 77 10.36 -4.10 -16.76
CA PHE A 77 11.20 -3.80 -17.92
C PHE A 77 10.78 -4.65 -19.11
N ILE A 78 10.31 -5.87 -18.85
CA ILE A 78 9.84 -6.77 -19.89
C ILE A 78 8.69 -6.09 -20.64
N GLN A 79 7.77 -5.51 -19.86
CA GLN A 79 6.63 -4.82 -20.42
C GLN A 79 7.11 -3.72 -21.34
N LEU A 80 8.02 -2.90 -20.78
CA LEU A 80 8.58 -1.76 -21.48
C LEU A 80 9.51 -1.98 -22.68
N ALA A 81 10.43 -2.93 -22.57
CA ALA A 81 11.36 -3.22 -23.67
C ALA A 81 12.03 -4.57 -23.42
N GLY A 82 11.22 -5.62 -23.47
CA GLY A 82 11.72 -6.97 -23.23
C GLY A 82 12.97 -7.25 -24.03
N ASP A 83 13.76 -8.23 -23.61
CA ASP A 83 15.01 -8.61 -24.29
C ASP A 83 16.04 -7.47 -24.41
N ASP A 84 15.64 -6.23 -24.18
CA ASP A 84 16.57 -5.11 -24.33
C ASP A 84 17.17 -4.56 -23.05
N VAL A 85 16.77 -5.10 -21.91
CA VAL A 85 17.31 -4.65 -20.64
C VAL A 85 17.77 -5.90 -19.89
N ARG A 86 19.07 -6.03 -19.66
CA ARG A 86 19.69 -7.15 -18.96
C ARG A 86 19.73 -6.86 -17.47
N LEU A 87 19.42 -7.87 -16.67
CA LEU A 87 19.41 -7.71 -15.22
C LEU A 87 20.45 -8.61 -14.54
N THR A 88 21.11 -8.07 -13.52
CA THR A 88 22.12 -8.84 -12.81
C THR A 88 21.87 -8.74 -11.31
N TRP A 89 21.19 -9.77 -10.81
CA TRP A 89 20.83 -9.87 -9.41
C TRP A 89 21.98 -10.34 -8.57
N HIS A 90 21.99 -9.92 -7.31
CA HIS A 90 23.01 -10.32 -6.34
C HIS A 90 22.31 -11.08 -5.21
N VAL A 91 20.98 -10.93 -5.16
CA VAL A 91 20.14 -11.54 -4.11
C VAL A 91 18.83 -12.14 -4.62
N ASP A 92 18.15 -12.88 -3.75
CA ASP A 92 16.86 -13.50 -4.09
C ASP A 92 15.70 -13.07 -3.20
N ASP A 93 14.51 -13.52 -3.57
CA ASP A 93 13.30 -13.17 -2.86
C ASP A 93 13.14 -13.72 -1.45
N GLY A 94 14.10 -13.47 -0.58
CA GLY A 94 13.96 -13.95 0.79
C GLY A 94 15.25 -13.79 1.54
N ASP A 95 16.23 -13.20 0.87
CA ASP A 95 17.56 -12.99 1.43
C ASP A 95 17.62 -11.81 2.40
N ALA A 96 18.52 -11.92 3.37
CA ALA A 96 18.74 -10.86 4.35
C ALA A 96 19.74 -9.91 3.70
N ILE A 97 19.28 -8.69 3.45
CA ILE A 97 20.09 -7.66 2.81
C ILE A 97 20.72 -6.72 3.84
N HIS A 98 21.95 -6.32 3.58
CA HIS A 98 22.70 -5.43 4.48
C HIS A 98 22.71 -4.01 4.00
N ALA A 99 22.83 -3.09 4.94
CA ALA A 99 22.89 -1.67 4.62
C ALA A 99 23.94 -1.46 3.54
N ASN A 100 23.61 -0.66 2.54
CA ASN A 100 24.52 -0.35 1.43
C ASN A 100 24.88 -1.46 0.46
N GLN A 101 24.49 -2.69 0.75
CA GLN A 101 24.77 -3.81 -0.15
C GLN A 101 24.01 -3.52 -1.42
N THR A 102 24.67 -3.63 -2.57
CA THR A 102 23.97 -3.36 -3.82
C THR A 102 23.17 -4.64 -4.15
N VAL A 103 21.88 -4.49 -4.46
CA VAL A 103 21.00 -5.63 -4.72
C VAL A 103 20.92 -6.23 -6.12
N PHE A 104 21.11 -5.40 -7.13
CA PHE A 104 21.10 -5.86 -8.53
C PHE A 104 21.49 -4.68 -9.43
N GLU A 105 21.93 -5.01 -10.64
CA GLU A 105 22.39 -4.00 -11.61
C GLU A 105 21.57 -4.06 -12.89
N LEU A 106 21.48 -2.93 -13.57
CA LEU A 106 20.70 -2.88 -14.79
C LEU A 106 21.56 -2.53 -16.00
N GLN A 107 21.20 -3.10 -17.15
CA GLN A 107 21.91 -2.89 -18.41
C GLN A 107 20.94 -2.61 -19.53
N GLY A 108 21.05 -1.45 -20.18
CA GLY A 108 20.13 -1.18 -21.27
C GLY A 108 20.09 0.27 -21.71
N PRO A 109 19.28 0.58 -22.72
CA PRO A 109 19.14 1.95 -23.25
C PRO A 109 18.77 2.90 -22.14
N ALA A 110 19.45 4.06 -22.11
CA ALA A 110 19.24 5.07 -21.08
C ALA A 110 17.77 5.39 -20.84
N ARG A 111 17.10 5.90 -21.87
CA ARG A 111 15.68 6.27 -21.78
C ARG A 111 14.85 5.36 -20.86
N VAL A 112 14.90 4.07 -21.16
CA VAL A 112 14.16 3.05 -20.44
C VAL A 112 14.43 2.96 -18.95
N LEU A 113 15.70 2.78 -18.58
CA LEU A 113 16.08 2.66 -17.18
C LEU A 113 15.46 3.80 -16.36
N LEU A 114 15.46 5.00 -16.92
CA LEU A 114 14.93 6.19 -16.24
C LEU A 114 13.44 6.10 -16.08
N THR A 115 12.75 5.70 -17.13
CA THR A 115 11.29 5.56 -17.06
C THR A 115 10.95 4.44 -16.09
N GLY A 116 11.47 3.24 -16.35
CA GLY A 116 11.22 2.11 -15.48
C GLY A 116 11.70 2.27 -14.04
N GLU A 117 12.54 3.26 -13.74
CA GLU A 117 13.04 3.44 -12.38
C GLU A 117 12.00 3.47 -11.28
N ARG A 118 11.16 4.51 -11.27
CA ARG A 118 10.18 4.64 -10.21
C ARG A 118 9.35 3.39 -9.98
N THR A 119 8.62 2.92 -10.99
CA THR A 119 7.82 1.70 -10.83
C THR A 119 8.61 0.49 -10.31
N ALA A 120 9.82 0.28 -10.83
CA ALA A 120 10.64 -0.82 -10.39
C ALA A 120 10.93 -0.68 -8.88
N LEU A 121 11.34 0.50 -8.45
CA LEU A 121 11.64 0.72 -7.04
C LEU A 121 10.39 0.68 -6.13
N ASN A 122 9.26 1.14 -6.65
CA ASN A 122 8.03 1.16 -5.86
C ASN A 122 7.52 -0.20 -5.51
N PHE A 123 7.70 -1.14 -6.41
CA PHE A 123 7.24 -2.48 -6.10
C PHE A 123 8.13 -3.02 -4.98
N VAL A 124 9.44 -2.99 -5.22
CA VAL A 124 10.40 -3.53 -4.27
C VAL A 124 10.43 -2.89 -2.89
N GLN A 125 10.43 -1.57 -2.82
CA GLN A 125 10.44 -0.91 -1.53
C GLN A 125 9.28 -1.44 -0.68
N THR A 126 8.13 -1.63 -1.32
CA THR A 126 6.95 -2.10 -0.62
C THR A 126 7.06 -3.56 -0.19
N LEU A 127 7.13 -4.46 -1.16
CA LEU A 127 7.22 -5.88 -0.84
C LEU A 127 8.35 -6.19 0.13
N SER A 128 9.48 -5.53 -0.05
CA SER A 128 10.63 -5.73 0.81
C SER A 128 10.40 -5.09 2.17
N GLY A 129 9.71 -3.95 2.18
CA GLY A 129 9.41 -3.28 3.44
C GLY A 129 8.59 -4.22 4.33
N VAL A 130 7.59 -4.85 3.71
CA VAL A 130 6.72 -5.79 4.40
C VAL A 130 7.51 -7.06 4.82
N ALA A 131 8.25 -7.64 3.87
CA ALA A 131 9.04 -8.85 4.12
C ALA A 131 10.02 -8.64 5.28
N SER A 132 10.57 -7.43 5.36
CA SER A 132 11.49 -7.06 6.44
C SER A 132 10.78 -6.99 7.80
N GLU A 133 9.55 -6.48 7.79
CA GLU A 133 8.75 -6.36 9.00
C GLU A 133 8.33 -7.75 9.48
N VAL A 134 7.88 -8.59 8.56
CA VAL A 134 7.46 -9.93 8.91
C VAL A 134 8.57 -10.65 9.65
N ARG A 135 9.76 -10.68 9.06
CA ARG A 135 10.86 -11.38 9.71
C ARG A 135 11.11 -10.92 11.14
N ARG A 136 11.22 -9.63 11.35
CA ARG A 136 11.46 -9.12 12.70
C ARG A 136 10.38 -9.67 13.63
N TYR A 137 9.18 -9.87 13.08
CA TYR A 137 8.08 -10.40 13.86
C TYR A 137 8.29 -11.88 14.13
N VAL A 138 8.72 -12.62 13.12
CA VAL A 138 8.94 -14.06 13.29
C VAL A 138 10.24 -14.36 14.07
N GLY A 139 11.06 -13.35 14.24
CA GLY A 139 12.31 -13.55 14.95
C GLY A 139 12.13 -13.98 16.39
N LEU A 140 11.09 -13.49 17.06
CA LEU A 140 10.87 -13.83 18.45
C LEU A 140 10.16 -15.16 18.70
N LEU A 141 9.63 -15.77 17.66
CA LEU A 141 8.97 -17.05 17.88
C LEU A 141 9.95 -18.22 17.84
N ALA A 142 11.23 -17.90 17.86
CA ALA A 142 12.31 -18.88 17.81
C ALA A 142 12.27 -19.85 19.00
N GLY A 143 12.60 -21.12 18.75
CA GLY A 143 12.61 -22.08 19.84
C GLY A 143 11.20 -22.40 20.33
N THR A 144 10.25 -22.15 19.45
CA THR A 144 8.84 -22.37 19.73
C THR A 144 8.26 -23.18 18.60
N GLN A 145 7.07 -23.71 18.82
CA GLN A 145 6.39 -24.48 17.80
C GLN A 145 5.06 -23.78 17.58
N THR A 146 5.18 -22.50 17.23
CA THR A 146 4.03 -21.63 16.98
C THR A 146 4.41 -20.93 15.70
N GLN A 147 3.42 -20.58 14.88
CA GLN A 147 3.71 -19.92 13.61
C GLN A 147 2.92 -18.64 13.34
N LEU A 148 3.58 -17.66 12.72
CA LEU A 148 2.95 -16.39 12.37
C LEU A 148 1.96 -16.63 11.23
N LEU A 149 1.02 -15.70 11.05
CA LEU A 149 0.03 -15.84 9.98
C LEU A 149 -0.48 -14.48 9.54
N ASP A 150 -1.08 -14.43 8.35
CA ASP A 150 -1.61 -13.18 7.86
C ASP A 150 -3.12 -13.10 7.96
N THR A 151 -3.68 -12.06 7.34
CA THR A 151 -5.11 -11.82 7.36
C THR A 151 -5.53 -11.30 5.99
N ARG A 152 -6.72 -10.70 5.92
CA ARG A 152 -7.24 -10.13 4.68
C ARG A 152 -7.19 -8.60 4.79
N LYS A 153 -6.44 -8.09 5.77
CA LYS A 153 -6.31 -6.66 5.98
C LYS A 153 -5.05 -6.24 5.18
N THR A 154 -5.22 -6.09 3.88
CA THR A 154 -4.11 -5.75 3.01
C THR A 154 -4.44 -4.54 2.17
N LEU A 155 -3.40 -3.90 1.65
CA LEU A 155 -3.56 -2.75 0.78
C LEU A 155 -4.31 -3.26 -0.46
N PRO A 156 -5.40 -2.58 -0.83
CA PRO A 156 -6.24 -2.93 -1.99
C PRO A 156 -5.45 -3.08 -3.29
N GLY A 157 -5.41 -4.30 -3.82
CA GLY A 157 -4.69 -4.55 -5.05
C GLY A 157 -3.50 -5.45 -4.82
N LEU A 158 -2.69 -5.12 -3.81
CA LEU A 158 -1.50 -5.91 -3.53
C LEU A 158 -1.76 -7.20 -2.74
N ARG A 159 -3.02 -7.60 -2.63
CA ARG A 159 -3.39 -8.79 -1.88
C ARG A 159 -2.42 -9.96 -2.05
N THR A 160 -2.34 -10.51 -3.26
CA THR A 160 -1.49 -11.68 -3.51
C THR A 160 -0.01 -11.42 -3.30
N ALA A 161 0.47 -10.25 -3.75
CA ALA A 161 1.87 -9.85 -3.63
C ALA A 161 2.30 -9.70 -2.17
N LEU A 162 1.39 -9.21 -1.32
CA LEU A 162 1.65 -9.03 0.10
C LEU A 162 1.74 -10.38 0.81
N LYS A 163 0.93 -11.34 0.34
CA LYS A 163 0.95 -12.69 0.90
C LYS A 163 2.29 -13.34 0.54
N TYR A 164 2.85 -12.89 -0.59
CA TYR A 164 4.15 -13.40 -1.05
C TYR A 164 5.27 -12.86 -0.17
N ALA A 165 5.24 -11.56 0.09
CA ALA A 165 6.25 -10.92 0.93
C ALA A 165 6.16 -11.49 2.34
N VAL A 166 4.94 -11.79 2.78
CA VAL A 166 4.72 -12.36 4.11
C VAL A 166 5.45 -13.69 4.14
N LEU A 167 5.38 -14.38 3.00
CA LEU A 167 6.02 -15.66 2.80
C LEU A 167 7.54 -15.50 2.87
N CYS A 168 8.10 -14.53 2.12
CA CYS A 168 9.55 -14.30 2.14
C CYS A 168 10.01 -13.80 3.49
N GLY A 169 9.08 -13.17 4.22
CA GLY A 169 9.39 -12.65 5.56
C GLY A 169 9.51 -13.79 6.55
N GLY A 170 8.88 -14.91 6.23
CA GLY A 170 8.94 -16.08 7.08
C GLY A 170 7.63 -16.46 7.76
N GLY A 171 6.51 -15.90 7.29
CA GLY A 171 5.24 -16.23 7.89
C GLY A 171 4.45 -17.16 7.00
N ALA A 172 3.34 -17.69 7.47
CA ALA A 172 2.51 -18.58 6.66
C ALA A 172 1.26 -17.80 6.32
N ASN A 173 0.58 -18.19 5.24
CA ASN A 173 -0.61 -17.47 4.81
C ASN A 173 -1.93 -18.04 5.33
N HIS A 174 -2.94 -17.19 5.34
CA HIS A 174 -4.25 -17.61 5.79
C HIS A 174 -5.09 -17.73 4.52
N ARG A 175 -6.40 -17.95 4.66
CA ARG A 175 -7.29 -18.07 3.52
C ARG A 175 -7.02 -16.92 2.57
N LEU A 176 -7.10 -17.20 1.27
CA LEU A 176 -6.86 -16.22 0.24
C LEU A 176 -7.96 -15.15 0.24
N GLY A 177 -9.16 -15.56 0.64
CA GLY A 177 -10.26 -14.62 0.67
C GLY A 177 -11.46 -15.29 1.32
N LEU A 178 -12.64 -14.93 0.83
CA LEU A 178 -13.89 -15.45 1.33
C LEU A 178 -14.21 -16.79 0.68
N THR A 179 -13.51 -17.07 -0.42
CA THR A 179 -13.72 -18.28 -1.22
C THR A 179 -13.14 -19.61 -0.75
N ASP A 180 -11.85 -19.65 -0.44
CA ASP A 180 -11.23 -20.90 -0.05
C ASP A 180 -11.33 -21.44 1.39
N ALA A 181 -12.05 -20.73 2.27
CA ALA A 181 -12.18 -21.17 3.67
C ALA A 181 -13.40 -20.60 4.42
N PHE A 182 -13.93 -21.39 5.34
CA PHE A 182 -15.08 -21.00 6.15
C PHE A 182 -14.64 -20.43 7.49
N LEU A 183 -15.14 -19.27 7.86
CA LEU A 183 -14.80 -18.68 9.15
C LEU A 183 -16.08 -18.46 9.94
N ILE A 184 -16.54 -19.53 10.57
CA ILE A 184 -17.75 -19.52 11.38
C ILE A 184 -17.65 -18.56 12.58
N LYS A 185 -18.72 -17.82 12.82
CA LYS A 185 -18.75 -16.90 13.94
C LYS A 185 -20.05 -17.00 14.70
N GLU A 186 -20.18 -16.14 15.72
CA GLU A 186 -21.34 -16.07 16.60
C GLU A 186 -22.64 -16.05 15.79
N ASN A 187 -22.73 -15.09 14.87
CA ASN A 187 -23.90 -14.91 14.00
C ASN A 187 -24.20 -16.22 13.32
N HIS A 188 -23.16 -16.78 12.71
CA HIS A 188 -23.30 -18.03 12.00
C HIS A 188 -23.84 -19.15 12.88
N ILE A 189 -23.22 -19.36 14.05
CA ILE A 189 -23.62 -20.42 14.98
C ILE A 189 -25.11 -20.29 15.36
N ILE A 190 -25.56 -19.05 15.48
CA ILE A 190 -26.95 -18.78 15.83
C ILE A 190 -27.91 -19.19 14.71
N ALA A 191 -27.59 -18.80 13.48
CA ALA A 191 -28.43 -19.09 12.33
C ALA A 191 -28.67 -20.59 12.10
N SER A 192 -27.64 -21.41 12.35
CA SER A 192 -27.74 -22.85 12.15
C SER A 192 -28.26 -23.65 13.34
N GLY A 193 -28.39 -23.00 14.48
CA GLY A 193 -28.89 -23.70 15.65
C GLY A 193 -27.82 -24.12 16.61
N SER A 194 -26.71 -24.63 16.07
CA SER A 194 -25.60 -25.07 16.90
C SER A 194 -24.31 -25.08 16.09
N VAL A 195 -23.17 -25.24 16.77
CA VAL A 195 -21.86 -25.33 16.13
C VAL A 195 -21.97 -26.54 15.24
N ARG A 196 -22.45 -27.62 15.85
CA ARG A 196 -22.66 -28.89 15.19
C ARG A 196 -23.34 -28.76 13.85
N GLN A 197 -24.53 -28.17 13.84
CA GLN A 197 -25.31 -27.99 12.63
C GLN A 197 -24.63 -27.01 11.67
N ALA A 198 -23.88 -26.08 12.23
CA ALA A 198 -23.18 -25.08 11.44
C ALA A 198 -22.07 -25.71 10.60
N VAL A 199 -21.17 -26.45 11.25
CA VAL A 199 -20.07 -27.07 10.50
C VAL A 199 -20.56 -28.22 9.62
N GLU A 200 -21.80 -28.67 9.85
CA GLU A 200 -22.31 -29.73 9.02
C GLU A 200 -22.76 -29.13 7.70
N LYS A 201 -23.54 -28.06 7.75
CA LYS A 201 -24.01 -27.44 6.51
C LYS A 201 -22.83 -26.86 5.71
N ALA A 202 -21.75 -26.55 6.42
CA ALA A 202 -20.53 -26.01 5.83
C ALA A 202 -19.80 -27.11 5.04
N PHE A 203 -19.48 -28.19 5.74
CA PHE A 203 -18.78 -29.35 5.16
C PHE A 203 -19.61 -29.97 4.03
N TRP A 204 -20.84 -29.46 3.88
CA TRP A 204 -21.77 -29.92 2.85
C TRP A 204 -21.86 -28.90 1.71
N LEU A 205 -21.72 -27.61 2.04
CA LEU A 205 -21.80 -26.56 1.05
C LEU A 205 -20.66 -26.70 0.05
N HIS A 206 -19.46 -26.86 0.60
CA HIS A 206 -18.22 -27.04 -0.20
C HIS A 206 -17.37 -27.94 0.69
N PRO A 207 -17.52 -29.26 0.53
CA PRO A 207 -16.87 -30.38 1.22
C PRO A 207 -15.37 -30.26 1.44
N ASP A 208 -14.68 -29.92 0.36
CA ASP A 208 -13.22 -29.81 0.35
C ASP A 208 -12.51 -28.66 1.07
N VAL A 209 -13.24 -27.59 1.42
CA VAL A 209 -12.58 -26.47 2.09
C VAL A 209 -12.44 -26.66 3.62
N PRO A 210 -11.52 -25.91 4.25
CA PRO A 210 -11.39 -26.08 5.69
C PRO A 210 -12.36 -25.18 6.45
N VAL A 211 -12.76 -25.65 7.64
CA VAL A 211 -13.67 -24.89 8.47
C VAL A 211 -13.03 -24.46 9.81
N GLU A 212 -13.22 -23.20 10.12
CA GLU A 212 -12.71 -22.65 11.34
C GLU A 212 -13.91 -22.05 12.06
N VAL A 213 -13.98 -22.30 13.36
CA VAL A 213 -15.07 -21.79 14.17
C VAL A 213 -14.40 -20.89 15.23
N GLU A 214 -14.91 -19.66 15.34
CA GLU A 214 -14.39 -18.71 16.31
C GLU A 214 -15.04 -18.94 17.67
N VAL A 215 -14.21 -19.17 18.67
CA VAL A 215 -14.67 -19.44 20.02
C VAL A 215 -14.31 -18.27 20.93
N GLU A 216 -15.15 -18.05 21.95
CA GLU A 216 -14.99 -16.96 22.89
C GLU A 216 -14.71 -17.38 24.34
N ASN A 217 -14.93 -18.66 24.63
CA ASN A 217 -14.71 -19.20 25.98
C ASN A 217 -14.42 -20.71 25.93
N LEU A 218 -13.75 -21.21 26.96
CA LEU A 218 -13.39 -22.63 27.06
C LEU A 218 -14.50 -23.65 26.76
N ASP A 219 -15.72 -23.39 27.22
CA ASP A 219 -16.87 -24.28 26.99
C ASP A 219 -17.33 -24.29 25.53
N GLU A 220 -17.43 -23.09 24.94
CA GLU A 220 -17.84 -22.90 23.55
C GLU A 220 -16.87 -23.71 22.67
N LEU A 221 -15.62 -23.80 23.12
CA LEU A 221 -14.52 -24.51 22.46
C LEU A 221 -14.70 -26.03 22.43
N ASP A 222 -15.26 -26.61 23.50
CA ASP A 222 -15.49 -28.07 23.53
C ASP A 222 -16.48 -28.43 22.43
N ASP A 223 -17.62 -27.76 22.44
CA ASP A 223 -18.65 -27.99 21.43
C ASP A 223 -18.07 -27.83 20.01
N ALA A 224 -16.99 -27.04 19.89
CA ALA A 224 -16.33 -26.82 18.61
C ALA A 224 -15.42 -28.01 18.26
N LEU A 225 -14.69 -28.52 19.26
CA LEU A 225 -13.79 -29.65 19.06
C LEU A 225 -14.58 -30.81 18.51
N LYS A 226 -15.55 -31.29 19.29
CA LYS A 226 -16.40 -32.41 18.89
C LYS A 226 -17.11 -32.19 17.56
N ALA A 227 -17.33 -30.93 17.19
CA ALA A 227 -18.02 -30.58 15.95
C ALA A 227 -17.26 -30.98 14.66
N GLY A 228 -15.97 -31.28 14.81
CA GLY A 228 -15.18 -31.67 13.66
C GLY A 228 -14.51 -30.49 12.97
N ALA A 229 -14.52 -29.32 13.64
CA ALA A 229 -13.91 -28.11 13.08
C ALA A 229 -12.41 -28.31 13.06
N ASP A 230 -11.80 -28.19 11.87
CA ASP A 230 -10.36 -28.40 11.77
C ASP A 230 -9.47 -27.29 12.32
N ILE A 231 -10.03 -26.09 12.51
CA ILE A 231 -9.25 -24.97 13.06
C ILE A 231 -10.17 -24.18 13.99
N ILE A 232 -9.63 -23.75 15.12
CA ILE A 232 -10.38 -23.01 16.12
C ILE A 232 -9.63 -21.80 16.64
N MET A 233 -10.15 -20.64 16.34
CA MET A 233 -9.53 -19.41 16.77
C MET A 233 -10.16 -18.95 18.05
N LEU A 234 -9.31 -18.51 18.98
CA LEU A 234 -9.76 -18.06 20.27
C LEU A 234 -9.77 -16.54 20.29
N ASP A 235 -10.92 -15.98 20.66
CA ASP A 235 -11.05 -14.53 20.75
C ASP A 235 -11.11 -14.20 22.24
N ASN A 236 -10.02 -13.65 22.74
CA ASN A 236 -9.88 -13.26 24.13
C ASN A 236 -9.87 -14.36 25.20
N PHE A 237 -8.72 -15.00 25.30
CA PHE A 237 -8.42 -16.05 26.25
C PHE A 237 -7.12 -15.49 26.82
N ASN A 238 -6.84 -15.69 28.11
CA ASN A 238 -5.58 -15.17 28.64
C ASN A 238 -4.54 -16.27 28.63
N THR A 239 -3.28 -15.93 28.83
CA THR A 239 -2.20 -16.93 28.85
C THR A 239 -2.59 -18.29 29.43
N ASP A 240 -3.31 -18.25 30.56
CA ASP A 240 -3.78 -19.44 31.28
C ASP A 240 -4.82 -20.25 30.52
N GLN A 241 -5.82 -19.56 30.00
CA GLN A 241 -6.89 -20.20 29.25
C GLN A 241 -6.38 -20.78 27.95
N MET A 242 -5.41 -20.09 27.34
CA MET A 242 -4.81 -20.56 26.10
C MET A 242 -4.09 -21.86 26.39
N ARG A 243 -3.21 -21.80 27.39
CA ARG A 243 -2.42 -22.97 27.81
C ARG A 243 -3.34 -24.16 28.06
N GLU A 244 -4.40 -23.94 28.81
CA GLU A 244 -5.35 -25.01 29.12
C GLU A 244 -6.08 -25.48 27.86
N ALA A 245 -6.42 -24.52 27.00
CA ALA A 245 -7.12 -24.81 25.75
C ALA A 245 -6.35 -25.86 24.97
N VAL A 246 -5.09 -25.54 24.67
CA VAL A 246 -4.23 -26.46 23.93
C VAL A 246 -4.22 -27.85 24.54
N LYS A 247 -4.10 -27.87 25.87
CA LYS A 247 -4.05 -29.10 26.62
C LYS A 247 -5.20 -30.06 26.29
N ARG A 248 -6.41 -29.53 26.10
CA ARG A 248 -7.53 -30.40 25.79
C ARG A 248 -7.78 -30.62 24.29
N VAL A 249 -6.91 -30.11 23.45
CA VAL A 249 -7.10 -30.30 22.02
C VAL A 249 -6.25 -31.42 21.42
N ASN A 250 -4.94 -31.23 21.28
CA ASN A 250 -4.03 -32.26 20.73
C ASN A 250 -4.18 -32.49 19.22
N GLY A 251 -4.83 -33.59 18.87
CA GLY A 251 -5.05 -33.93 17.48
C GLY A 251 -6.18 -33.05 16.98
N GLN A 252 -6.06 -32.60 15.73
CA GLN A 252 -7.05 -31.71 15.12
C GLN A 252 -6.91 -30.33 15.75
N ALA A 253 -6.06 -30.26 16.77
CA ALA A 253 -5.82 -29.01 17.46
C ALA A 253 -5.16 -28.00 16.55
N ARG A 254 -5.98 -27.24 15.84
CA ARG A 254 -5.46 -26.19 15.02
C ARG A 254 -6.04 -24.97 15.68
N LEU A 255 -5.21 -24.35 16.51
CA LEU A 255 -5.60 -23.18 17.24
C LEU A 255 -4.98 -21.96 16.62
N GLU A 256 -5.78 -20.93 16.41
CA GLU A 256 -5.31 -19.68 15.86
C GLU A 256 -5.69 -18.58 16.83
N VAL A 257 -4.67 -17.91 17.36
CA VAL A 257 -4.86 -16.81 18.28
C VAL A 257 -4.75 -15.54 17.44
N SER A 258 -5.69 -14.64 17.62
CA SER A 258 -5.64 -13.39 16.87
C SER A 258 -4.84 -12.47 17.76
N GLY A 259 -3.52 -12.61 17.70
CA GLY A 259 -2.62 -11.83 18.53
C GLY A 259 -2.08 -10.53 17.95
N ASN A 260 -2.97 -9.78 17.29
CA ASN A 260 -2.64 -8.49 16.67
C ASN A 260 -1.98 -7.50 17.66
N VAL A 261 -1.97 -7.88 18.94
CA VAL A 261 -1.44 -7.09 20.04
C VAL A 261 0.11 -6.82 20.13
N THR A 262 0.62 -6.63 21.35
CA THR A 262 2.03 -6.27 21.58
C THR A 262 3.17 -7.26 21.39
N ALA A 263 4.35 -6.68 21.16
CA ALA A 263 5.61 -7.40 20.93
C ALA A 263 5.94 -8.47 21.96
N GLU A 264 6.07 -8.07 23.22
CA GLU A 264 6.41 -9.06 24.23
C GLU A 264 5.29 -10.01 24.58
N THR A 265 4.05 -9.65 24.25
CA THR A 265 2.92 -10.52 24.51
C THR A 265 3.06 -11.70 23.53
N LEU A 266 3.52 -11.39 22.32
CA LEU A 266 3.74 -12.39 21.28
C LEU A 266 4.43 -13.63 21.86
N ARG A 267 5.49 -13.38 22.63
CA ARG A 267 6.31 -14.40 23.25
C ARG A 267 5.51 -15.30 24.18
N GLU A 268 4.70 -14.70 25.04
CA GLU A 268 3.88 -15.47 25.99
C GLU A 268 2.89 -16.38 25.26
N PHE A 269 2.26 -15.86 24.22
CA PHE A 269 1.29 -16.63 23.46
C PHE A 269 1.98 -17.82 22.86
N ALA A 270 2.99 -17.56 22.05
CA ALA A 270 3.74 -18.63 21.41
C ALA A 270 4.15 -19.66 22.48
N GLU A 271 4.59 -19.14 23.61
CA GLU A 271 5.02 -19.96 24.73
C GLU A 271 4.00 -21.04 25.04
N THR A 272 2.71 -20.67 25.02
CA THR A 272 1.62 -21.60 25.34
C THR A 272 1.35 -22.67 24.29
N GLY A 273 2.29 -22.86 23.36
CA GLY A 273 2.13 -23.88 22.35
C GLY A 273 0.95 -23.74 21.41
N VAL A 274 0.37 -22.55 21.31
CA VAL A 274 -0.75 -22.36 20.41
C VAL A 274 -0.22 -22.39 18.93
N ASP A 275 -0.87 -23.21 18.10
CA ASP A 275 -0.47 -23.37 16.70
C ASP A 275 -0.19 -22.16 15.85
N PHE A 276 -1.11 -21.21 15.82
CA PHE A 276 -0.93 -20.01 15.01
C PHE A 276 -1.28 -18.71 15.72
N ILE A 277 -0.61 -17.63 15.30
CA ILE A 277 -0.81 -16.27 15.81
C ILE A 277 -0.99 -15.39 14.57
N SER A 278 -2.23 -15.03 14.22
CA SER A 278 -2.44 -14.18 13.05
C SER A 278 -2.29 -12.73 13.44
N VAL A 279 -1.46 -12.01 12.69
CA VAL A 279 -1.24 -10.59 12.95
C VAL A 279 -1.69 -9.80 11.72
N GLY A 280 -2.57 -8.81 11.93
CA GLY A 280 -3.03 -8.02 10.80
C GLY A 280 -2.13 -6.85 10.51
N ALA A 281 -1.44 -6.36 11.54
CA ALA A 281 -0.54 -5.24 11.38
C ALA A 281 0.53 -5.52 10.33
N LEU A 282 0.83 -6.80 10.09
CA LEU A 282 1.86 -7.19 9.12
C LEU A 282 1.56 -6.78 7.69
N THR A 283 0.28 -6.77 7.30
CA THR A 283 -0.07 -6.38 5.93
C THR A 283 -0.97 -5.16 5.80
N LYS A 284 -1.34 -4.54 6.92
CA LYS A 284 -2.18 -3.33 6.89
C LYS A 284 -1.40 -2.00 7.03
N HIS A 285 -0.10 -2.09 7.25
CA HIS A 285 0.81 -0.94 7.39
C HIS A 285 2.08 -1.23 6.60
N VAL A 286 2.73 -0.19 6.09
CA VAL A 286 3.95 -0.39 5.32
C VAL A 286 5.05 0.62 5.61
N ARG A 287 6.23 0.15 5.96
CA ARG A 287 7.37 1.03 6.21
C ARG A 287 8.35 0.65 5.13
N ALA A 288 8.07 1.13 3.93
CA ALA A 288 8.88 0.88 2.74
C ALA A 288 10.39 1.00 2.93
N LEU A 289 11.13 -0.03 2.54
CA LEU A 289 12.59 -0.03 2.65
C LEU A 289 13.20 1.12 1.86
N ASP A 290 14.28 1.68 2.37
CA ASP A 290 14.95 2.79 1.70
C ASP A 290 15.89 2.28 0.60
N LEU A 291 15.49 2.45 -0.65
CA LEU A 291 16.29 2.00 -1.78
C LEU A 291 16.50 3.14 -2.77
N SER A 292 17.41 2.90 -3.72
CA SER A 292 17.74 3.89 -4.75
C SER A 292 18.52 3.27 -5.93
N MET A 293 18.44 3.93 -7.07
CA MET A 293 19.13 3.50 -8.27
C MET A 293 20.15 4.56 -8.61
N ARG A 294 21.43 4.19 -8.52
CA ARG A 294 22.54 5.09 -8.81
C ARG A 294 23.13 4.76 -10.19
N PHE A 295 23.69 5.75 -10.86
CA PHE A 295 24.24 5.55 -12.20
C PHE A 295 25.76 5.42 -12.30
N CYS A 296 26.31 4.52 -11.48
CA CYS A 296 27.74 4.24 -11.45
C CYS A 296 28.63 5.46 -11.16
N ASP B 8 -4.15 26.78 -12.48
CA ASP B 8 -3.64 25.40 -12.77
C ASP B 8 -4.82 24.42 -12.76
N ASP B 9 -4.82 23.52 -13.74
CA ASP B 9 -5.88 22.53 -13.87
C ASP B 9 -5.59 21.14 -13.29
N ARG B 10 -4.47 20.98 -12.58
CA ARG B 10 -4.13 19.68 -12.02
C ARG B 10 -5.24 19.08 -11.16
N ARG B 11 -5.92 19.92 -10.39
CA ARG B 11 -7.03 19.46 -9.56
C ARG B 11 -8.05 18.80 -10.49
N ASP B 12 -8.43 19.50 -11.56
CA ASP B 12 -9.39 18.98 -12.52
C ASP B 12 -8.90 17.67 -13.11
N ALA B 13 -7.70 17.69 -13.71
CA ALA B 13 -7.12 16.49 -14.30
C ALA B 13 -7.11 15.33 -13.28
N LEU B 14 -6.85 15.65 -12.02
CA LEU B 14 -6.80 14.65 -10.95
C LEU B 14 -8.19 14.09 -10.68
N LEU B 15 -9.10 14.96 -10.26
CA LEU B 15 -10.46 14.57 -9.94
C LEU B 15 -11.19 13.89 -11.10
N GLU B 16 -10.72 14.13 -12.31
CA GLU B 16 -11.35 13.49 -13.45
C GLU B 16 -10.75 12.11 -13.63
N ARG B 17 -9.47 11.95 -13.28
CA ARG B 17 -8.84 10.64 -13.42
C ARG B 17 -9.44 9.69 -12.41
N ILE B 18 -9.52 10.12 -11.15
CA ILE B 18 -10.09 9.26 -10.10
C ILE B 18 -11.49 8.85 -10.46
N ASN B 19 -12.27 9.79 -11.01
CA ASN B 19 -13.65 9.52 -11.44
C ASN B 19 -13.70 8.23 -12.26
N LEU B 20 -12.63 7.97 -13.01
CA LEU B 20 -12.51 6.76 -13.83
C LEU B 20 -11.81 5.61 -13.09
N ASP B 21 -10.79 5.96 -12.31
CA ASP B 21 -9.98 5.00 -11.55
C ASP B 21 -10.69 4.21 -10.44
N ILE B 22 -11.62 4.84 -9.73
CA ILE B 22 -12.34 4.21 -8.61
C ILE B 22 -13.11 2.92 -8.91
N PRO B 23 -13.98 2.91 -9.95
CA PRO B 23 -14.72 1.69 -10.26
C PRO B 23 -13.75 0.53 -10.54
N ALA B 24 -12.67 0.80 -11.25
CA ALA B 24 -11.68 -0.24 -11.56
C ALA B 24 -10.97 -0.81 -10.30
N ALA B 25 -10.59 0.10 -9.40
CA ALA B 25 -9.89 -0.18 -8.14
C ALA B 25 -10.76 -0.90 -7.11
N VAL B 26 -12.05 -0.56 -7.06
CA VAL B 26 -12.98 -1.22 -6.16
C VAL B 26 -13.17 -2.62 -6.73
N ALA B 27 -13.22 -2.73 -8.05
CA ALA B 27 -13.39 -4.00 -8.76
C ALA B 27 -12.18 -4.92 -8.58
N GLN B 28 -11.01 -4.31 -8.42
CA GLN B 28 -9.77 -5.04 -8.21
C GLN B 28 -9.78 -5.79 -6.86
N ALA B 29 -10.01 -5.04 -5.79
CA ALA B 29 -10.06 -5.62 -4.46
C ALA B 29 -11.27 -6.54 -4.33
N LEU B 30 -12.37 -6.19 -4.97
CA LEU B 30 -13.55 -7.05 -4.90
C LEU B 30 -13.35 -8.36 -5.64
N ARG B 31 -12.27 -8.50 -6.40
CA ARG B 31 -12.02 -9.73 -7.12
C ARG B 31 -11.03 -10.59 -6.38
N GLU B 32 -9.97 -9.97 -5.88
CA GLU B 32 -8.95 -10.71 -5.15
C GLU B 32 -9.53 -11.43 -3.93
N ASP B 33 -10.59 -10.86 -3.38
CA ASP B 33 -11.26 -11.42 -2.21
C ASP B 33 -12.36 -12.42 -2.57
N LEU B 34 -12.98 -12.21 -3.73
CA LEU B 34 -14.06 -13.08 -4.21
C LEU B 34 -13.53 -14.03 -5.28
N GLY B 35 -12.26 -14.39 -5.13
CA GLY B 35 -11.61 -15.31 -6.05
C GLY B 35 -11.90 -15.19 -7.52
N GLY B 36 -11.59 -14.03 -8.10
CA GLY B 36 -11.79 -13.85 -9.52
C GLY B 36 -12.87 -12.91 -10.04
N GLU B 37 -14.10 -13.03 -9.53
CA GLU B 37 -15.21 -12.20 -10.02
C GLU B 37 -15.98 -11.43 -8.95
N VAL B 38 -16.52 -10.26 -9.30
CA VAL B 38 -17.31 -9.48 -8.35
C VAL B 38 -18.72 -10.10 -8.22
N ASP B 39 -18.76 -11.35 -7.77
CA ASP B 39 -20.02 -12.08 -7.58
C ASP B 39 -20.05 -12.24 -6.07
N ALA B 40 -20.88 -11.44 -5.40
CA ALA B 40 -20.97 -11.49 -3.94
C ALA B 40 -21.36 -12.87 -3.40
N GLY B 41 -21.95 -13.70 -4.25
CA GLY B 41 -22.36 -15.03 -3.84
C GLY B 41 -21.18 -15.95 -3.59
N ASN B 42 -20.00 -15.53 -4.05
CA ASN B 42 -18.79 -16.30 -3.89
C ASN B 42 -18.36 -16.47 -2.45
N ASP B 43 -18.82 -15.60 -1.56
CA ASP B 43 -18.47 -15.73 -0.15
C ASP B 43 -19.22 -16.94 0.38
N ILE B 44 -18.49 -18.00 0.71
CA ILE B 44 -19.14 -19.20 1.19
C ILE B 44 -19.73 -19.09 2.59
N THR B 45 -18.97 -18.57 3.54
CA THR B 45 -19.50 -18.46 4.90
C THR B 45 -20.81 -17.68 4.92
N ALA B 46 -20.96 -16.71 4.02
CA ALA B 46 -22.18 -15.89 3.95
C ALA B 46 -23.42 -16.73 3.64
N GLN B 47 -23.22 -17.85 2.93
CA GLN B 47 -24.29 -18.77 2.56
C GLN B 47 -25.02 -19.40 3.75
N LEU B 48 -24.32 -19.54 4.87
CA LEU B 48 -24.90 -20.13 6.06
C LEU B 48 -25.80 -19.15 6.79
N LEU B 49 -26.02 -17.99 6.18
CA LEU B 49 -26.86 -16.99 6.78
C LEU B 49 -28.19 -16.85 6.04
N PRO B 50 -29.26 -16.50 6.80
CA PRO B 50 -30.61 -16.31 6.26
C PRO B 50 -30.63 -15.17 5.24
N ALA B 51 -30.80 -15.53 3.96
CA ALA B 51 -30.79 -14.59 2.83
C ALA B 51 -31.87 -13.50 2.80
N ASP B 52 -32.01 -12.73 3.87
CA ASP B 52 -33.00 -11.65 3.95
C ASP B 52 -32.81 -10.79 5.21
N THR B 53 -32.28 -11.40 6.27
CA THR B 53 -32.06 -10.70 7.52
C THR B 53 -31.21 -9.46 7.32
N GLN B 54 -31.85 -8.30 7.35
CA GLN B 54 -31.14 -7.05 7.19
C GLN B 54 -30.46 -6.77 8.52
N ALA B 55 -29.56 -5.79 8.53
CA ALA B 55 -28.87 -5.43 9.75
C ALA B 55 -28.42 -3.98 9.64
N HIS B 56 -27.96 -3.46 10.77
CA HIS B 56 -27.51 -2.08 10.85
C HIS B 56 -26.10 -2.06 11.44
N ALA B 57 -25.12 -1.76 10.59
CA ALA B 57 -23.73 -1.71 11.00
C ALA B 57 -23.28 -0.25 11.10
N THR B 58 -22.41 0.02 12.07
CA THR B 58 -21.87 1.36 12.28
C THR B 58 -20.35 1.30 12.27
N VAL B 59 -19.75 2.04 11.37
CA VAL B 59 -18.30 2.09 11.31
C VAL B 59 -17.84 3.11 12.35
N ILE B 60 -16.69 2.88 12.96
CA ILE B 60 -16.21 3.78 13.98
C ILE B 60 -14.70 3.75 14.04
N THR B 61 -14.07 4.91 14.21
CA THR B 61 -12.61 4.97 14.30
C THR B 61 -12.23 5.07 15.78
N ARG B 62 -11.15 4.39 16.15
CA ARG B 62 -10.66 4.40 17.51
C ARG B 62 -9.53 5.40 17.67
N GLU B 63 -9.43 6.34 16.72
CA GLU B 63 -8.39 7.36 16.75
C GLU B 63 -8.72 8.65 15.97
N ASP B 64 -8.26 9.77 16.53
CA ASP B 64 -8.46 11.09 15.94
C ASP B 64 -7.62 11.18 14.68
N GLY B 65 -8.17 11.77 13.63
CA GLY B 65 -7.42 11.90 12.41
C GLY B 65 -8.16 12.69 11.37
N VAL B 66 -8.12 12.19 10.14
CA VAL B 66 -8.75 12.84 9.02
C VAL B 66 -9.47 11.78 8.21
N PHE B 67 -10.70 12.08 7.77
CA PHE B 67 -11.44 11.13 6.97
C PHE B 67 -11.04 11.22 5.52
N CYS B 68 -11.34 10.15 4.78
CA CYS B 68 -11.08 10.06 3.35
C CYS B 68 -11.51 8.67 2.89
N GLY B 69 -12.30 8.62 1.80
CA GLY B 69 -12.75 7.34 1.30
C GLY B 69 -14.22 7.17 0.89
N LYS B 70 -15.08 8.16 1.16
CA LYS B 70 -16.51 8.05 0.82
C LYS B 70 -16.83 7.45 -0.57
N ARG B 71 -16.41 8.10 -1.66
CA ARG B 71 -16.72 7.58 -3.01
C ARG B 71 -16.17 6.16 -3.23
N TRP B 72 -15.18 5.78 -2.44
CA TRP B 72 -14.62 4.47 -2.55
C TRP B 72 -15.52 3.46 -1.87
N VAL B 73 -16.03 3.84 -0.70
CA VAL B 73 -16.94 2.98 0.07
C VAL B 73 -18.23 2.83 -0.74
N GLU B 74 -18.76 3.98 -1.13
CA GLU B 74 -19.98 4.13 -1.91
C GLU B 74 -19.95 3.25 -3.14
N GLU B 75 -18.75 2.97 -3.64
CA GLU B 75 -18.55 2.16 -4.82
C GLU B 75 -18.46 0.64 -4.55
N VAL B 76 -17.96 0.25 -3.38
CA VAL B 76 -17.85 -1.17 -3.01
C VAL B 76 -19.24 -1.76 -3.02
N PHE B 77 -20.08 -1.20 -2.15
CA PHE B 77 -21.45 -1.64 -1.98
C PHE B 77 -22.39 -1.51 -3.18
N ILE B 78 -22.26 -0.45 -3.96
CA ILE B 78 -23.08 -0.32 -5.16
C ILE B 78 -22.73 -1.55 -6.01
N GLN B 79 -21.42 -1.73 -6.18
CA GLN B 79 -20.82 -2.79 -6.98
C GLN B 79 -21.22 -4.20 -6.57
N LEU B 80 -21.58 -4.39 -5.31
CA LEU B 80 -21.96 -5.71 -4.81
C LEU B 80 -23.48 -5.93 -4.83
N ALA B 81 -24.21 -4.83 -4.64
CA ALA B 81 -25.67 -4.83 -4.62
C ALA B 81 -26.14 -3.43 -4.99
N GLY B 82 -26.17 -3.13 -6.29
CA GLY B 82 -26.62 -1.84 -6.75
C GLY B 82 -27.90 -1.45 -6.01
N ASP B 83 -27.88 -0.27 -5.41
CA ASP B 83 -29.02 0.27 -4.64
C ASP B 83 -29.79 -0.71 -3.74
N ASP B 84 -29.05 -1.55 -3.04
CA ASP B 84 -29.66 -2.52 -2.13
C ASP B 84 -29.17 -2.23 -0.71
N VAL B 85 -28.23 -1.28 -0.59
CA VAL B 85 -27.64 -0.92 0.71
C VAL B 85 -27.72 0.58 0.87
N ARG B 86 -27.93 1.03 2.10
CA ARG B 86 -28.03 2.43 2.38
C ARG B 86 -26.91 2.85 3.35
N LEU B 87 -26.17 3.91 2.98
CA LEU B 87 -25.07 4.43 3.79
C LEU B 87 -25.57 5.70 4.50
N THR B 88 -24.94 6.06 5.61
CA THR B 88 -25.32 7.26 6.36
C THR B 88 -24.04 8.01 6.73
N TRP B 89 -23.81 9.18 6.13
CA TRP B 89 -22.58 9.92 6.39
C TRP B 89 -22.59 11.03 7.44
N HIS B 90 -21.61 11.00 8.33
CA HIS B 90 -21.46 12.00 9.40
C HIS B 90 -20.28 12.92 9.06
N VAL B 91 -19.19 12.32 8.60
CA VAL B 91 -18.02 13.07 8.20
C VAL B 91 -17.92 13.08 6.68
N ASP B 92 -17.14 14.03 6.18
CA ASP B 92 -16.93 14.18 4.75
C ASP B 92 -15.44 13.99 4.51
N ASP B 93 -15.07 13.56 3.31
CA ASP B 93 -13.67 13.39 2.97
C ASP B 93 -12.85 14.63 3.37
N GLY B 94 -11.85 14.41 4.22
CA GLY B 94 -11.02 15.51 4.67
C GLY B 94 -11.73 16.29 5.77
N ASP B 95 -11.97 15.60 6.88
CA ASP B 95 -12.62 16.18 8.04
C ASP B 95 -11.95 15.67 9.31
N ALA B 96 -12.07 16.42 10.40
CA ALA B 96 -11.48 16.00 11.66
C ALA B 96 -12.28 14.82 12.22
N ILE B 97 -11.60 13.71 12.49
CA ILE B 97 -12.26 12.53 13.06
C ILE B 97 -11.85 12.48 14.53
N HIS B 98 -12.75 12.01 15.38
CA HIS B 98 -12.44 11.97 16.81
C HIS B 98 -12.59 10.60 17.35
N ALA B 99 -11.64 10.21 18.19
CA ALA B 99 -11.65 8.91 18.82
C ALA B 99 -13.08 8.51 19.21
N ASN B 100 -13.48 7.32 18.74
CA ASN B 100 -14.78 6.73 19.04
C ASN B 100 -15.97 7.45 18.42
N GLN B 101 -15.67 8.29 17.45
CA GLN B 101 -16.69 9.02 16.71
C GLN B 101 -17.25 8.08 15.65
N THR B 102 -18.55 8.14 15.44
CA THR B 102 -19.19 7.31 14.42
C THR B 102 -18.96 8.00 13.06
N VAL B 103 -18.40 7.27 12.11
CA VAL B 103 -18.11 7.80 10.76
C VAL B 103 -19.32 7.72 9.84
N PHE B 104 -19.86 6.52 9.68
CA PHE B 104 -21.02 6.29 8.83
C PHE B 104 -21.79 4.99 9.19
N GLU B 105 -23.05 4.92 8.79
CA GLU B 105 -23.88 3.76 9.08
C GLU B 105 -24.23 3.00 7.82
N LEU B 106 -24.71 1.78 8.03
CA LEU B 106 -25.08 0.90 6.92
C LEU B 106 -26.40 0.16 7.20
N GLN B 107 -27.35 0.27 6.27
CA GLN B 107 -28.65 -0.39 6.36
C GLN B 107 -28.75 -1.28 5.15
N GLY B 108 -28.85 -2.57 5.37
CA GLY B 108 -28.97 -3.46 4.24
C GLY B 108 -28.88 -4.91 4.67
N PRO B 109 -28.90 -5.83 3.69
CA PRO B 109 -28.82 -7.28 3.88
C PRO B 109 -27.47 -7.69 4.48
N ALA B 110 -27.52 -8.45 5.57
CA ALA B 110 -26.31 -8.89 6.26
C ALA B 110 -25.30 -9.70 5.41
N ARG B 111 -25.79 -10.52 4.48
CA ARG B 111 -24.89 -11.31 3.64
C ARG B 111 -23.92 -10.39 2.91
N VAL B 112 -24.42 -9.21 2.57
CA VAL B 112 -23.64 -8.22 1.87
C VAL B 112 -22.75 -7.41 2.81
N LEU B 113 -23.36 -6.72 3.76
CA LEU B 113 -22.63 -5.91 4.70
C LEU B 113 -21.39 -6.62 5.24
N LEU B 114 -21.48 -7.94 5.40
CA LEU B 114 -20.34 -8.71 5.89
C LEU B 114 -19.20 -8.84 4.89
N THR B 115 -19.56 -9.16 3.66
CA THR B 115 -18.56 -9.32 2.61
C THR B 115 -17.86 -7.99 2.27
N GLY B 116 -18.66 -6.99 1.92
CA GLY B 116 -18.10 -5.71 1.57
C GLY B 116 -17.38 -5.06 2.75
N GLU B 117 -17.59 -5.59 3.95
CA GLU B 117 -16.95 -5.04 5.12
C GLU B 117 -15.44 -4.86 4.94
N ARG B 118 -14.74 -5.97 4.83
CA ARG B 118 -13.30 -5.96 4.70
C ARG B 118 -12.77 -5.08 3.59
N THR B 119 -13.33 -5.21 2.40
CA THR B 119 -12.85 -4.42 1.28
C THR B 119 -13.06 -2.92 1.40
N ALA B 120 -14.25 -2.50 1.85
CA ALA B 120 -14.55 -1.10 2.03
C ALA B 120 -13.61 -0.49 3.08
N LEU B 121 -13.42 -1.23 4.18
CA LEU B 121 -12.56 -0.83 5.29
C LEU B 121 -11.06 -0.71 4.97
N ASN B 122 -10.57 -1.52 4.03
CA ASN B 122 -9.16 -1.45 3.65
C ASN B 122 -8.93 -0.14 2.94
N PHE B 123 -9.89 0.24 2.10
CA PHE B 123 -9.78 1.51 1.41
C PHE B 123 -9.72 2.64 2.43
N VAL B 124 -10.73 2.72 3.28
CA VAL B 124 -10.77 3.77 4.29
C VAL B 124 -9.55 3.77 5.22
N GLN B 125 -9.12 2.58 5.64
CA GLN B 125 -7.98 2.47 6.55
C GLN B 125 -6.72 3.10 5.94
N THR B 126 -6.48 2.79 4.67
CA THR B 126 -5.34 3.27 3.92
C THR B 126 -5.44 4.77 3.66
N LEU B 127 -6.40 5.15 2.83
CA LEU B 127 -6.62 6.55 2.47
C LEU B 127 -6.69 7.48 3.69
N SER B 128 -7.51 7.13 4.67
CA SER B 128 -7.62 7.93 5.89
C SER B 128 -6.28 7.91 6.66
N GLY B 129 -5.53 6.82 6.53
CA GLY B 129 -4.26 6.72 7.21
C GLY B 129 -3.26 7.71 6.65
N VAL B 130 -3.20 7.77 5.33
CA VAL B 130 -2.30 8.67 4.63
C VAL B 130 -2.73 10.10 4.87
N ALA B 131 -3.98 10.39 4.54
CA ALA B 131 -4.56 11.72 4.71
C ALA B 131 -4.30 12.26 6.12
N SER B 132 -4.53 11.42 7.14
CA SER B 132 -4.31 11.82 8.53
C SER B 132 -2.88 12.28 8.75
N GLU B 133 -1.92 11.57 8.18
CA GLU B 133 -0.56 12.00 8.40
C GLU B 133 -0.10 13.19 7.60
N VAL B 134 -0.77 13.50 6.50
CA VAL B 134 -0.42 14.68 5.75
C VAL B 134 -0.83 15.86 6.63
N ARG B 135 -1.99 15.75 7.27
CA ARG B 135 -2.45 16.82 8.14
C ARG B 135 -1.42 17.05 9.22
N ARG B 136 -0.84 15.96 9.73
CA ARG B 136 0.19 16.06 10.76
C ARG B 136 1.35 16.93 10.25
N TYR B 137 1.71 16.71 8.98
CA TYR B 137 2.81 17.45 8.33
C TYR B 137 2.50 18.90 8.02
N VAL B 138 1.39 19.14 7.30
CA VAL B 138 1.01 20.50 6.93
C VAL B 138 0.86 21.35 8.19
N GLY B 139 0.49 20.69 9.29
CA GLY B 139 0.32 21.36 10.57
C GLY B 139 1.58 21.96 11.18
N LEU B 140 2.74 21.64 10.62
CA LEU B 140 4.00 22.19 11.13
C LEU B 140 4.41 23.36 10.22
N LEU B 141 3.58 23.66 9.23
CA LEU B 141 3.87 24.72 8.28
C LEU B 141 3.11 26.01 8.52
N ALA B 142 2.25 26.04 9.53
CA ALA B 142 1.47 27.24 9.84
C ALA B 142 2.38 28.48 10.10
N GLY B 143 2.12 29.56 9.39
CA GLY B 143 2.95 30.73 9.54
C GLY B 143 3.71 30.97 8.25
N THR B 144 4.32 29.93 7.67
CA THR B 144 5.05 30.12 6.43
C THR B 144 4.14 30.16 5.23
N GLN B 145 4.77 30.41 4.09
CA GLN B 145 4.08 30.48 2.82
C GLN B 145 4.45 29.22 2.01
N THR B 146 5.06 28.26 2.71
CA THR B 146 5.50 26.99 2.12
C THR B 146 4.38 25.95 1.85
N GLN B 147 4.37 25.40 0.64
CA GLN B 147 3.39 24.40 0.26
C GLN B 147 4.02 23.01 0.27
N LEU B 148 3.39 22.09 1.01
CA LEU B 148 3.84 20.71 1.09
C LEU B 148 3.35 19.98 -0.16
N LEU B 149 4.20 19.17 -0.78
CA LEU B 149 3.84 18.39 -1.98
C LEU B 149 4.13 16.91 -1.80
N ASP B 150 3.53 16.11 -2.69
CA ASP B 150 3.75 14.67 -2.70
C ASP B 150 4.79 14.40 -3.79
N THR B 151 5.09 13.13 -4.01
CA THR B 151 6.06 12.78 -5.02
C THR B 151 5.47 11.71 -5.91
N ARG B 152 6.31 10.90 -6.53
CA ARG B 152 5.81 9.86 -7.40
C ARG B 152 6.26 8.54 -6.76
N LYS B 153 6.21 8.52 -5.43
CA LYS B 153 6.60 7.38 -4.63
C LYS B 153 5.37 6.82 -3.90
N THR B 154 4.47 6.24 -4.69
CA THR B 154 3.23 5.70 -4.18
C THR B 154 3.11 4.19 -4.35
N LEU B 155 2.35 3.56 -3.47
CA LEU B 155 2.14 2.12 -3.54
C LEU B 155 1.48 1.82 -4.89
N PRO B 156 2.02 0.83 -5.60
CA PRO B 156 1.52 0.41 -6.91
C PRO B 156 0.01 0.30 -6.97
N GLY B 157 -0.59 0.91 -7.99
CA GLY B 157 -2.03 0.86 -8.17
C GLY B 157 -2.78 2.05 -7.62
N LEU B 158 -2.37 2.53 -6.45
CA LEU B 158 -3.06 3.65 -5.82
C LEU B 158 -2.45 5.01 -6.09
N ARG B 159 -1.94 5.24 -7.29
CA ARG B 159 -1.35 6.54 -7.59
C ARG B 159 -2.31 7.69 -7.27
N THR B 160 -3.44 7.73 -7.98
CA THR B 160 -4.44 8.79 -7.81
C THR B 160 -5.13 8.81 -6.46
N ALA B 161 -5.45 7.63 -5.93
CA ALA B 161 -6.11 7.52 -4.63
C ALA B 161 -5.27 8.22 -3.54
N LEU B 162 -3.96 8.04 -3.62
CA LEU B 162 -3.02 8.65 -2.68
C LEU B 162 -2.89 10.15 -3.01
N LYS B 163 -2.88 10.51 -4.30
CA LYS B 163 -2.78 11.91 -4.68
C LYS B 163 -4.01 12.64 -4.18
N TYR B 164 -5.14 11.93 -4.15
CA TYR B 164 -6.39 12.48 -3.66
C TYR B 164 -6.32 12.59 -2.13
N ALA B 165 -5.95 11.50 -1.48
CA ALA B 165 -5.83 11.48 -0.03
C ALA B 165 -4.89 12.59 0.46
N VAL B 166 -3.93 12.96 -0.39
CA VAL B 166 -2.98 14.03 -0.06
C VAL B 166 -3.71 15.38 0.01
N LEU B 167 -4.62 15.63 -0.94
CA LEU B 167 -5.39 16.87 -0.92
C LEU B 167 -6.15 16.94 0.40
N CYS B 168 -6.91 15.88 0.69
CA CYS B 168 -7.73 15.75 1.88
C CYS B 168 -6.99 16.03 3.17
N GLY B 169 -5.67 15.84 3.16
CA GLY B 169 -4.85 16.10 4.34
C GLY B 169 -4.41 17.55 4.45
N GLY B 170 -4.39 18.23 3.31
CA GLY B 170 -3.99 19.62 3.29
C GLY B 170 -2.80 19.86 2.39
N GLY B 171 -2.25 18.78 1.85
CA GLY B 171 -1.10 18.92 0.98
C GLY B 171 -1.43 19.28 -0.47
N ALA B 172 -0.38 19.53 -1.24
CA ALA B 172 -0.50 19.88 -2.65
C ALA B 172 -0.04 18.72 -3.55
N ASN B 173 -0.62 18.64 -4.74
CA ASN B 173 -0.28 17.59 -5.70
C ASN B 173 0.84 17.93 -6.67
N HIS B 174 1.90 17.12 -6.66
CA HIS B 174 3.00 17.31 -7.61
C HIS B 174 2.50 16.41 -8.76
N ARG B 175 3.09 16.53 -9.94
CA ARG B 175 2.70 15.73 -11.12
C ARG B 175 2.20 14.30 -10.83
N LEU B 176 1.29 13.83 -11.69
CA LEU B 176 0.68 12.50 -11.54
C LEU B 176 1.39 11.39 -12.33
N GLY B 177 2.34 11.75 -13.19
CA GLY B 177 3.04 10.75 -13.97
C GLY B 177 4.26 11.36 -14.63
N LEU B 178 4.86 10.61 -15.55
CA LEU B 178 6.04 11.06 -16.30
C LEU B 178 5.61 11.93 -17.48
N THR B 179 4.32 11.85 -17.78
CA THR B 179 3.70 12.53 -18.91
C THR B 179 3.12 13.93 -18.73
N ASP B 180 3.24 14.54 -17.55
CA ASP B 180 2.64 15.88 -17.39
C ASP B 180 3.48 17.02 -16.82
N ALA B 181 4.80 16.93 -16.96
CA ALA B 181 5.73 17.98 -16.50
C ALA B 181 7.17 17.48 -16.64
N PHE B 182 8.12 18.41 -16.69
CA PHE B 182 9.55 18.05 -16.81
C PHE B 182 10.18 18.05 -15.43
N LEU B 183 11.03 17.08 -15.19
CA LEU B 183 11.77 17.02 -13.94
C LEU B 183 13.12 16.46 -14.36
N ILE B 184 13.96 17.42 -14.75
CA ILE B 184 15.30 17.21 -15.24
C ILE B 184 16.35 16.99 -14.15
N LYS B 185 16.90 15.77 -14.11
CA LYS B 185 17.93 15.42 -13.13
C LYS B 185 19.28 15.36 -13.84
N GLU B 186 20.36 15.25 -13.06
CA GLU B 186 21.72 15.19 -13.60
C GLU B 186 21.83 14.26 -14.80
N ASN B 187 21.21 13.09 -14.70
CA ASN B 187 21.24 12.10 -15.77
C ASN B 187 20.83 12.72 -17.11
N HIS B 188 19.69 13.40 -17.14
CA HIS B 188 19.22 14.04 -18.37
C HIS B 188 20.24 15.12 -18.79
N ILE B 189 20.54 16.03 -17.85
CA ILE B 189 21.47 17.15 -18.07
C ILE B 189 22.75 16.72 -18.77
N ILE B 190 23.18 15.50 -18.47
CA ILE B 190 24.39 14.94 -19.05
C ILE B 190 24.32 14.82 -20.58
N ALA B 191 23.29 14.13 -21.08
CA ALA B 191 23.14 13.93 -22.53
C ALA B 191 22.89 15.21 -23.33
N SER B 192 22.17 16.15 -22.73
CA SER B 192 21.85 17.44 -23.37
C SER B 192 23.08 18.33 -23.58
N GLY B 193 24.10 18.13 -22.75
CA GLY B 193 25.32 18.91 -22.84
C GLY B 193 25.62 19.80 -21.64
N SER B 194 24.59 20.51 -21.15
CA SER B 194 24.71 21.41 -20.00
C SER B 194 23.33 21.59 -19.37
N VAL B 195 23.21 22.55 -18.46
CA VAL B 195 21.92 22.82 -17.83
C VAL B 195 21.14 23.72 -18.77
N ARG B 196 21.70 24.87 -19.08
CA ARG B 196 21.06 25.81 -20.00
C ARG B 196 20.48 25.02 -21.17
N GLN B 197 21.37 24.29 -21.84
CA GLN B 197 21.02 23.47 -22.99
C GLN B 197 19.87 22.49 -22.78
N ALA B 198 19.77 21.90 -21.59
CA ALA B 198 18.71 20.93 -21.28
C ALA B 198 17.34 21.57 -21.16
N VAL B 199 17.23 22.58 -20.30
CA VAL B 199 15.96 23.29 -20.12
C VAL B 199 15.57 23.76 -21.50
N GLU B 200 16.48 24.52 -22.10
CA GLU B 200 16.32 25.09 -23.42
C GLU B 200 15.69 24.07 -24.38
N LYS B 201 16.34 22.91 -24.49
CA LYS B 201 15.91 21.83 -25.36
C LYS B 201 14.52 21.31 -24.98
N ALA B 202 14.26 21.22 -23.67
CA ALA B 202 12.96 20.75 -23.18
C ALA B 202 11.85 21.64 -23.73
N PHE B 203 12.02 22.95 -23.58
CA PHE B 203 11.06 23.95 -24.04
C PHE B 203 10.77 23.82 -25.54
N TRP B 204 11.75 23.38 -26.31
CA TRP B 204 11.58 23.21 -27.76
C TRP B 204 10.61 22.06 -28.06
N LEU B 205 10.85 20.93 -27.42
CA LEU B 205 10.02 19.75 -27.61
C LEU B 205 8.59 20.00 -27.14
N HIS B 206 8.37 19.99 -25.83
CA HIS B 206 7.04 20.21 -25.29
C HIS B 206 6.93 21.61 -24.69
N PRO B 207 6.52 22.58 -25.53
CA PRO B 207 6.32 24.02 -25.29
C PRO B 207 5.44 24.45 -24.12
N ASP B 208 4.44 23.66 -23.81
CA ASP B 208 3.46 23.99 -22.77
C ASP B 208 3.58 23.35 -21.38
N VAL B 209 3.95 22.07 -21.29
CA VAL B 209 4.06 21.41 -19.99
C VAL B 209 5.17 22.01 -19.15
N PRO B 210 4.91 22.29 -17.86
CA PRO B 210 5.89 22.89 -16.95
C PRO B 210 7.26 22.19 -16.94
N VAL B 211 8.31 22.99 -16.79
CA VAL B 211 9.69 22.52 -16.77
C VAL B 211 10.37 22.82 -15.42
N GLU B 212 10.82 21.75 -14.77
CA GLU B 212 11.50 21.84 -13.51
C GLU B 212 12.85 21.13 -13.69
N VAL B 213 13.91 21.76 -13.18
CA VAL B 213 15.25 21.20 -13.30
C VAL B 213 15.86 21.09 -11.92
N GLU B 214 16.58 19.99 -11.70
CA GLU B 214 17.23 19.77 -10.41
C GLU B 214 18.66 20.26 -10.53
N VAL B 215 19.07 21.06 -9.55
CA VAL B 215 20.38 21.67 -9.53
C VAL B 215 21.14 21.30 -8.28
N GLU B 216 22.41 20.94 -8.45
CA GLU B 216 23.26 20.57 -7.33
C GLU B 216 23.98 21.76 -6.66
N ASN B 217 24.06 22.92 -7.33
CA ASN B 217 24.74 24.09 -6.74
C ASN B 217 24.24 25.43 -7.23
N LEU B 218 24.79 26.51 -6.66
CA LEU B 218 24.40 27.86 -7.02
C LEU B 218 24.71 28.24 -8.48
N ASP B 219 25.87 27.88 -9.00
CA ASP B 219 26.20 28.22 -10.40
C ASP B 219 25.14 27.66 -11.34
N GLU B 220 24.69 26.44 -11.06
CA GLU B 220 23.67 25.80 -11.87
C GLU B 220 22.30 26.39 -11.55
N LEU B 221 22.15 27.00 -10.37
CA LEU B 221 20.89 27.61 -9.96
C LEU B 221 20.51 28.74 -10.88
N ASP B 222 21.29 29.82 -10.85
CA ASP B 222 20.99 30.96 -11.70
C ASP B 222 21.22 30.62 -13.16
N ASP B 223 22.05 29.62 -13.40
CA ASP B 223 22.33 29.17 -14.75
C ASP B 223 21.03 28.67 -15.39
N ALA B 224 20.23 27.97 -14.59
CA ALA B 224 18.95 27.46 -15.07
C ALA B 224 17.88 28.56 -14.96
N LEU B 225 17.94 29.36 -13.90
CA LEU B 225 16.99 30.45 -13.68
C LEU B 225 16.92 31.33 -14.91
N LYS B 226 18.07 31.76 -15.41
CA LYS B 226 18.15 32.59 -16.60
C LYS B 226 17.65 31.84 -17.84
N ALA B 227 17.70 30.52 -17.81
CA ALA B 227 17.22 29.72 -18.95
C ALA B 227 15.69 29.70 -19.03
N GLY B 228 15.04 30.27 -18.01
CA GLY B 228 13.59 30.35 -17.98
C GLY B 228 12.74 29.23 -17.37
N ALA B 229 13.33 28.25 -16.69
CA ALA B 229 12.53 27.19 -16.08
C ALA B 229 11.54 27.84 -15.10
N ASP B 230 10.56 27.09 -14.60
CA ASP B 230 9.55 27.65 -13.67
C ASP B 230 9.74 27.24 -12.21
N ILE B 231 10.18 26.00 -12.01
CA ILE B 231 10.44 25.46 -10.68
C ILE B 231 11.80 24.82 -10.72
N ILE B 232 12.63 25.09 -9.72
CA ILE B 232 13.94 24.47 -9.64
C ILE B 232 14.12 23.73 -8.33
N MET B 233 14.47 22.46 -8.46
CA MET B 233 14.67 21.59 -7.31
C MET B 233 16.09 21.73 -6.81
N LEU B 234 16.25 22.20 -5.57
CA LEU B 234 17.56 22.39 -4.96
C LEU B 234 18.01 21.09 -4.27
N ASP B 235 18.85 20.31 -4.94
CA ASP B 235 19.36 19.05 -4.39
C ASP B 235 20.58 19.26 -3.47
N ASN B 236 20.44 18.87 -2.20
CA ASN B 236 21.53 18.96 -1.20
C ASN B 236 21.90 20.30 -0.63
N PHE B 237 20.99 21.27 -0.63
CA PHE B 237 21.38 22.55 -0.06
C PHE B 237 21.27 22.55 1.45
N ASN B 238 22.24 23.18 2.10
CA ASN B 238 22.17 23.27 3.54
C ASN B 238 21.34 24.56 3.78
N THR B 239 20.87 24.78 5.01
CA THR B 239 20.06 25.97 5.36
C THR B 239 20.46 27.31 4.72
N ASP B 240 21.70 27.73 4.96
CA ASP B 240 22.22 28.99 4.45
C ASP B 240 22.18 29.09 2.94
N GLN B 241 22.71 28.08 2.26
CA GLN B 241 22.66 28.11 0.81
C GLN B 241 21.23 28.18 0.29
N MET B 242 20.30 27.51 0.98
CA MET B 242 18.89 27.55 0.57
C MET B 242 18.43 28.98 0.69
N ARG B 243 18.67 29.57 1.86
CA ARG B 243 18.25 30.94 2.13
C ARG B 243 18.75 31.97 1.10
N GLU B 244 20.01 31.86 0.72
CA GLU B 244 20.58 32.79 -0.26
C GLU B 244 20.01 32.51 -1.65
N ALA B 245 19.68 31.25 -1.91
CA ALA B 245 19.11 30.86 -3.20
C ALA B 245 17.72 31.49 -3.32
N VAL B 246 16.95 31.48 -2.23
CA VAL B 246 15.61 32.06 -2.17
C VAL B 246 15.79 33.46 -2.66
N LYS B 247 16.77 34.11 -2.04
CA LYS B 247 17.14 35.48 -2.33
C LYS B 247 17.32 35.72 -3.84
N ARG B 248 18.43 35.25 -4.38
CA ARG B 248 18.75 35.47 -5.77
C ARG B 248 17.69 35.11 -6.80
N VAL B 249 16.74 34.26 -6.42
CA VAL B 249 15.69 33.89 -7.36
C VAL B 249 14.65 35.02 -7.43
N ASN B 250 13.90 35.18 -6.34
CA ASN B 250 12.88 36.22 -6.27
C ASN B 250 11.68 36.00 -7.22
N GLY B 251 11.85 36.38 -8.49
CA GLY B 251 10.80 36.23 -9.46
C GLY B 251 10.87 34.86 -10.09
N GLN B 252 9.72 34.26 -10.36
CA GLN B 252 9.66 32.91 -10.95
C GLN B 252 10.26 31.93 -9.93
N ALA B 253 10.35 32.41 -8.71
CA ALA B 253 10.93 31.68 -7.58
C ALA B 253 10.21 30.41 -7.15
N ARG B 254 9.68 29.63 -8.10
CA ARG B 254 9.06 28.40 -7.68
C ARG B 254 10.26 27.53 -7.34
N LEU B 255 10.65 27.60 -6.08
CA LEU B 255 11.75 26.80 -5.58
C LEU B 255 11.19 25.61 -4.84
N GLU B 256 11.53 24.41 -5.28
CA GLU B 256 11.08 23.19 -4.63
C GLU B 256 12.29 22.55 -3.98
N VAL B 257 12.10 22.02 -2.78
CA VAL B 257 13.17 21.36 -2.06
C VAL B 257 12.69 20.00 -1.52
N SER B 258 13.10 18.92 -2.18
CA SER B 258 12.70 17.57 -1.78
C SER B 258 13.37 17.33 -0.44
N GLY B 259 12.56 17.42 0.61
CA GLY B 259 13.07 17.27 1.96
C GLY B 259 12.42 16.23 2.86
N ASN B 260 12.77 14.97 2.64
CA ASN B 260 12.26 13.87 3.47
C ASN B 260 13.34 13.82 4.55
N VAL B 261 13.56 14.95 5.22
CA VAL B 261 14.63 15.06 6.24
C VAL B 261 14.28 14.72 7.69
N THR B 262 13.20 15.30 8.22
CA THR B 262 12.76 15.03 9.59
C THR B 262 11.69 16.01 10.00
N ALA B 263 10.97 15.67 11.06
CA ALA B 263 9.90 16.50 11.59
C ALA B 263 10.34 17.95 11.82
N GLU B 264 11.30 18.19 12.72
CA GLU B 264 11.73 19.58 12.99
C GLU B 264 12.65 20.31 12.02
N THR B 265 13.51 19.59 11.30
CA THR B 265 14.36 20.30 10.35
C THR B 265 13.50 20.75 9.15
N LEU B 266 12.29 20.18 9.07
CA LEU B 266 11.33 20.53 8.03
C LEU B 266 10.93 22.00 8.19
N ARG B 267 10.62 22.39 9.42
CA ARG B 267 10.22 23.78 9.73
C ARG B 267 11.31 24.74 9.29
N GLU B 268 12.51 24.59 9.86
CA GLU B 268 13.65 25.44 9.52
C GLU B 268 13.78 25.63 8.00
N PHE B 269 13.50 24.57 7.24
CA PHE B 269 13.57 24.66 5.79
C PHE B 269 12.56 25.71 5.35
N ALA B 270 11.28 25.37 5.41
CA ALA B 270 10.20 26.26 4.98
C ALA B 270 10.41 27.70 5.46
N GLU B 271 11.01 27.85 6.64
CA GLU B 271 11.30 29.14 7.25
C GLU B 271 12.06 30.01 6.26
N THR B 272 13.08 29.42 5.63
CA THR B 272 13.93 30.10 4.65
C THR B 272 13.10 30.83 3.61
N GLY B 273 11.84 30.41 3.45
CA GLY B 273 10.97 31.02 2.49
C GLY B 273 11.04 30.33 1.14
N VAL B 274 11.26 29.03 1.15
CA VAL B 274 11.29 28.27 -0.09
C VAL B 274 9.83 27.89 -0.47
N ASP B 275 9.52 27.83 -1.76
CA ASP B 275 8.16 27.53 -2.21
C ASP B 275 7.48 26.20 -1.90
N PHE B 276 8.07 25.11 -2.37
CA PHE B 276 7.48 23.81 -2.15
C PHE B 276 8.43 22.83 -1.48
N ILE B 277 7.88 21.98 -0.62
CA ILE B 277 8.66 20.93 0.02
C ILE B 277 7.94 19.63 -0.34
N SER B 278 8.54 18.83 -1.22
CA SER B 278 7.96 17.57 -1.63
C SER B 278 8.50 16.44 -0.76
N VAL B 279 7.59 15.81 -0.02
CA VAL B 279 7.95 14.73 0.87
C VAL B 279 7.36 13.38 0.42
N GLY B 280 8.22 12.50 -0.06
CA GLY B 280 7.73 11.19 -0.49
C GLY B 280 7.25 10.33 0.66
N ALA B 281 7.82 10.55 1.84
CA ALA B 281 7.49 9.80 3.06
C ALA B 281 6.01 9.63 3.31
N LEU B 282 5.21 10.45 2.63
CA LEU B 282 3.76 10.45 2.78
C LEU B 282 3.04 9.34 2.05
N THR B 283 3.51 8.98 0.86
CA THR B 283 2.83 7.97 0.08
C THR B 283 3.53 6.63 -0.11
N LYS B 284 4.73 6.48 0.45
CA LYS B 284 5.48 5.22 0.35
C LYS B 284 5.31 4.37 1.62
N HIS B 285 4.79 5.01 2.68
CA HIS B 285 4.56 4.36 3.96
C HIS B 285 3.08 4.45 4.30
N VAL B 286 2.54 3.40 4.91
CA VAL B 286 1.14 3.39 5.30
C VAL B 286 0.98 2.95 6.73
N ARG B 287 0.21 3.74 7.44
CA ARG B 287 -0.10 3.53 8.83
C ARG B 287 -1.61 3.66 8.83
N ALA B 288 -2.26 2.55 8.51
CA ALA B 288 -3.71 2.48 8.45
C ALA B 288 -4.39 3.01 9.72
N LEU B 289 -5.52 3.69 9.53
CA LEU B 289 -6.28 4.27 10.62
C LEU B 289 -7.11 3.15 11.21
N ASP B 290 -7.12 3.07 12.54
CA ASP B 290 -7.84 2.04 13.28
C ASP B 290 -9.36 2.23 13.38
N LEU B 291 -10.11 1.53 12.55
CA LEU B 291 -11.56 1.62 12.56
C LEU B 291 -12.12 0.20 12.67
N SER B 292 -13.34 0.11 13.15
CA SER B 292 -14.05 -1.15 13.29
C SER B 292 -15.47 -0.87 12.83
N MET B 293 -16.14 -1.89 12.33
CA MET B 293 -17.49 -1.72 11.86
C MET B 293 -18.31 -2.65 12.71
N ARG B 294 -18.78 -2.14 13.84
CA ARG B 294 -19.53 -2.95 14.78
C ARG B 294 -21.05 -2.98 14.52
N PHE B 295 -21.68 -4.11 14.86
CA PHE B 295 -23.10 -4.31 14.65
C PHE B 295 -24.10 -3.82 15.72
N CYS B 296 -24.42 -2.53 15.66
CA CYS B 296 -25.38 -1.82 16.54
C CYS B 296 -24.82 -1.15 17.83
N1 NTM C . -8.47 -12.00 10.64
C2 NTM C . -8.89 -12.08 9.36
C3 NTM C . -8.90 -13.37 8.74
C4 NTM C . -8.38 -14.44 9.48
C5 NTM C . -7.62 -14.19 10.62
C6 NTM C . -7.80 -12.96 11.24
C7 NTM C . -9.27 -10.76 8.74
O1 NTM C . -9.87 -9.88 9.41
O2 NTM C . -8.98 -10.52 7.55
C8 NTM C . -9.40 -13.75 7.36
O3 NTM C . -10.51 -13.31 6.96
O4 NTM C . -8.71 -14.51 6.62
N1 NTM D . 10.21 13.45 -5.93
C2 NTM D . 9.72 12.83 -7.03
C3 NTM D . 8.87 13.59 -7.93
C4 NTM D . 8.48 14.88 -7.50
C5 NTM D . 9.24 15.53 -6.52
C6 NTM D . 10.03 14.74 -5.68
C7 NTM D . 10.17 11.37 -7.16
O1 NTM D . 11.37 11.05 -6.95
O2 NTM D . 9.35 10.48 -7.46
C8 NTM D . 8.39 13.24 -9.33
O3 NTM D . 8.62 12.11 -9.82
O4 NTM D . 7.77 14.08 -10.02
#